data_5MV9
#
_entry.id   5MV9
#
_cell.length_a   121.520
_cell.length_b   151.710
_cell.length_c   100.800
_cell.angle_alpha   90.00
_cell.angle_beta   90.00
_cell.angle_gamma   90.00
#
_symmetry.space_group_name_H-M   'C 2 2 21'
#
loop_
_entity.id
_entity.type
_entity.pdbx_description
1 polymer 'Unconventional myosin-VIIa'
2 polymer 'cDNA FLJ51329, highly similar to Harmonin'
3 non-polymer 'ACETATE ION'
4 water water
#
loop_
_entity_poly.entity_id
_entity_poly.type
_entity_poly.pdbx_seq_one_letter_code
_entity_poly.pdbx_strand_id
1 'polypeptide(L)'
;MGSSHHHHHHSSGTAEPEVRAKPYTLEEFSYDYFRPPPKHTLSRVMVSKARGKDRLWSHTREPLKQALLKKLLGSEELSQ
EACLAFIAVLKYMGDYPSKRTRSVNELTDQIFEGPLKAEPLKDEAYVQILKQLTDNHIRYSEERGWELLWLCTGLFPPSN
ILLPHVQRFLQSRKHCPLAIDCLQRLQKALRNGSRKYPPHLVEVEAIQHKTTQIFHKVYFPDDTDEAFEVESSTKAKDFC
QNIATRLLLKSSEGFSLFVKIADKVLSVPENDFFFDFVRHLTDWIKKARPIKDGIVPSLTYQVFFMKKLWTTTVPGKDPM
ADSIFHYYQELPKYLRGYHKCTREEVLQLGALIYRVKFEEDKSYFPSIPKLLRELVPQDLIRQVSPDDWKRSIVAYFNKH
AGKSKEEAKLAFLKLIFKWPTFGSAFFEVKQTTEPNFPEILLIAINKYGVSLIDPKTKDILTTHPFTKISNWSSGNTYFH
ITIGNLVRGSKLLCETSLGYKMDDLLTSYISQMLTAMSKQRGSRSGK
;
A
2 'polypeptide(L)'
;GAMGSQDFRKYEEGFDPYSMFTPEQIMGKDVRLLRIKKEGSLDLALEGGVDSPIGKVVVSAVYERGAAERHGGIVKGDEI
MAINGKIVTDYTLAEADAALQKAWNQGGDWIDLVVAVCPPKEYDDELTFF
;
B
#
# COMPACT_ATOMS: atom_id res chain seq x y z
N VAL A 19 -33.03 -3.14 47.22
CA VAL A 19 -32.81 -3.73 45.90
C VAL A 19 -31.86 -2.88 45.04
N ARG A 20 -30.84 -3.54 44.46
CA ARG A 20 -29.84 -2.91 43.59
C ARG A 20 -30.18 -3.16 42.11
N ALA A 21 -30.07 -2.11 41.28
CA ALA A 21 -30.39 -2.16 39.85
C ALA A 21 -29.62 -3.21 39.05
N LYS A 22 -30.35 -4.10 38.35
CA LYS A 22 -29.81 -5.16 37.50
C LYS A 22 -29.13 -4.54 36.25
N PRO A 23 -28.10 -5.19 35.63
CA PRO A 23 -27.47 -4.60 34.44
C PRO A 23 -28.43 -4.49 33.26
N TYR A 24 -28.32 -3.37 32.53
CA TYR A 24 -29.13 -2.96 31.38
C TYR A 24 -29.12 -3.97 30.22
N THR A 25 -30.30 -4.24 29.64
CA THR A 25 -30.46 -5.18 28.53
C THR A 25 -31.16 -4.53 27.34
N LEU A 26 -31.14 -5.22 26.18
CA LEU A 26 -31.83 -4.74 24.97
C LEU A 26 -33.31 -5.13 24.97
N GLU A 27 -33.89 -5.46 26.14
CA GLU A 27 -35.30 -5.84 26.27
C GLU A 27 -36.23 -4.72 25.81
N GLU A 28 -36.09 -3.51 26.40
CA GLU A 28 -36.89 -2.34 26.06
C GLU A 28 -36.63 -1.89 24.60
N PHE A 29 -35.37 -1.93 24.13
CA PHE A 29 -35.04 -1.61 22.74
C PHE A 29 -35.67 -2.61 21.78
N SER A 30 -35.68 -3.91 22.12
CA SER A 30 -36.20 -4.97 21.27
C SER A 30 -37.66 -4.78 20.91
N TYR A 31 -38.50 -4.33 21.86
CA TYR A 31 -39.93 -4.10 21.68
C TYR A 31 -40.27 -3.21 20.45
N ASP A 32 -39.46 -2.18 20.16
CA ASP A 32 -39.67 -1.30 19.00
C ASP A 32 -38.81 -1.65 17.76
N TYR A 33 -37.57 -2.17 17.96
CA TYR A 33 -36.64 -2.31 16.84
C TYR A 33 -36.25 -3.73 16.48
N PHE A 34 -36.59 -4.72 17.33
CA PHE A 34 -36.36 -6.11 16.94
C PHE A 34 -37.59 -6.58 16.17
N ARG A 35 -37.39 -7.62 15.34
CA ARG A 35 -38.48 -8.24 14.60
C ARG A 35 -39.46 -8.84 15.64
N PRO A 36 -40.78 -8.69 15.43
CA PRO A 36 -41.75 -9.24 16.39
C PRO A 36 -41.62 -10.77 16.54
N PRO A 37 -42.01 -11.34 17.70
CA PRO A 37 -41.93 -12.81 17.84
C PRO A 37 -42.87 -13.50 16.88
N PRO A 38 -42.58 -14.75 16.43
CA PRO A 38 -43.51 -15.44 15.51
C PRO A 38 -44.90 -15.49 16.12
N LYS A 39 -45.93 -15.40 15.29
CA LYS A 39 -47.33 -15.37 15.68
C LYS A 39 -47.74 -16.47 16.70
N HIS A 40 -47.09 -17.65 16.68
CA HIS A 40 -47.42 -18.76 17.60
C HIS A 40 -46.93 -18.57 19.05
N THR A 41 -46.06 -17.58 19.31
CA THR A 41 -45.46 -17.31 20.63
C THR A 41 -46.47 -17.34 21.79
N LEU A 42 -47.50 -16.46 21.79
CA LEU A 42 -48.49 -16.40 22.87
C LEU A 42 -49.23 -17.73 23.09
N SER A 43 -49.50 -18.51 22.02
CA SER A 43 -50.20 -19.79 22.17
C SER A 43 -49.40 -20.78 23.02
N ARG A 44 -48.03 -20.74 22.92
CA ARG A 44 -47.06 -21.53 23.68
C ARG A 44 -46.87 -20.88 25.07
N VAL A 45 -47.65 -21.39 26.07
CA VAL A 45 -47.78 -20.96 27.49
C VAL A 45 -46.49 -20.42 28.11
N ASP A 54 -35.01 -17.93 26.59
CA ASP A 54 -35.14 -18.03 25.14
C ASP A 54 -35.62 -16.70 24.51
N ARG A 55 -35.23 -15.59 25.14
CA ARG A 55 -35.59 -14.24 24.71
C ARG A 55 -34.72 -13.81 23.53
N LEU A 56 -35.32 -13.10 22.56
CA LEU A 56 -34.64 -12.61 21.35
C LEU A 56 -33.46 -11.71 21.68
N TRP A 57 -33.54 -10.98 22.81
CA TRP A 57 -32.58 -10.01 23.34
C TRP A 57 -31.56 -10.63 24.33
N SER A 58 -31.62 -11.96 24.51
CA SER A 58 -30.80 -12.74 25.45
C SER A 58 -29.97 -13.84 24.75
N HIS A 59 -28.86 -14.26 25.38
CA HIS A 59 -27.94 -15.31 24.88
C HIS A 59 -28.61 -16.65 24.54
N THR A 60 -28.22 -17.23 23.37
CA THR A 60 -28.59 -18.54 22.82
C THR A 60 -27.39 -19.23 22.16
N ARG A 61 -27.58 -20.54 21.91
CA ARG A 61 -26.64 -21.39 21.22
C ARG A 61 -27.30 -21.80 19.89
N GLU A 62 -28.58 -21.37 19.72
CA GLU A 62 -29.45 -21.61 18.57
C GLU A 62 -29.26 -20.51 17.49
N PRO A 63 -28.77 -20.91 16.29
CA PRO A 63 -28.59 -19.91 15.22
C PRO A 63 -29.86 -19.17 14.82
N LEU A 64 -29.70 -17.92 14.38
CA LEU A 64 -30.79 -17.08 13.90
C LEU A 64 -31.14 -17.55 12.52
N LYS A 65 -32.41 -17.47 12.18
CA LYS A 65 -32.91 -17.84 10.85
C LYS A 65 -33.40 -16.56 10.14
N GLN A 66 -33.55 -15.49 10.93
CA GLN A 66 -33.89 -14.12 10.52
C GLN A 66 -33.11 -13.14 11.41
N ALA A 67 -32.59 -12.05 10.80
CA ALA A 67 -31.83 -10.98 11.49
C ALA A 67 -32.64 -10.44 12.66
N LEU A 68 -31.97 -9.93 13.70
CA LEU A 68 -32.65 -9.42 14.89
C LEU A 68 -33.49 -8.18 14.60
N LEU A 69 -32.93 -7.23 13.84
CA LEU A 69 -33.56 -5.95 13.56
C LEU A 69 -34.76 -6.03 12.61
N LYS A 70 -35.88 -5.40 13.06
CA LYS A 70 -37.14 -5.26 12.31
C LYS A 70 -36.90 -4.67 10.89
N LYS A 71 -35.91 -3.78 10.75
CA LYS A 71 -35.48 -3.10 9.52
C LYS A 71 -35.00 -4.09 8.44
N LEU A 72 -34.36 -5.19 8.83
CA LEU A 72 -33.83 -6.16 7.88
C LEU A 72 -34.88 -7.20 7.42
N LEU A 73 -36.12 -7.14 7.99
CA LEU A 73 -37.25 -8.05 7.69
C LEU A 73 -37.49 -8.26 6.20
N GLY A 74 -37.60 -7.16 5.46
CA GLY A 74 -37.78 -7.22 4.01
C GLY A 74 -36.51 -7.64 3.28
N SER A 75 -35.35 -7.06 3.67
CA SER A 75 -34.03 -7.29 3.08
C SER A 75 -33.55 -8.74 3.19
N GLU A 76 -33.80 -9.53 2.13
CA GLU A 76 -33.42 -10.95 2.05
C GLU A 76 -31.90 -11.15 2.08
N GLU A 77 -31.17 -10.49 1.14
CA GLU A 77 -29.69 -10.56 1.04
C GLU A 77 -29.00 -10.14 2.35
N LEU A 78 -29.49 -9.06 2.98
CA LEU A 78 -28.94 -8.53 4.22
C LEU A 78 -29.23 -9.43 5.44
N SER A 79 -30.46 -10.00 5.52
CA SER A 79 -30.85 -10.96 6.58
C SER A 79 -30.00 -12.21 6.51
N GLN A 80 -29.70 -12.65 5.27
CA GLN A 80 -28.85 -13.81 4.99
C GLN A 80 -27.45 -13.60 5.57
N GLU A 81 -26.87 -12.38 5.33
CA GLU A 81 -25.53 -12.04 5.79
CA GLU A 81 -25.54 -11.98 5.78
C GLU A 81 -25.48 -11.85 7.31
N ALA A 82 -26.58 -11.37 7.91
CA ALA A 82 -26.75 -11.17 9.34
C ALA A 82 -26.76 -12.52 10.08
N CYS A 83 -27.34 -13.58 9.48
CA CYS A 83 -27.41 -14.93 10.03
C CYS A 83 -26.09 -15.67 9.92
N LEU A 84 -25.31 -15.36 8.87
CA LEU A 84 -23.99 -15.94 8.65
C LEU A 84 -23.00 -15.39 9.67
N ALA A 85 -23.06 -14.07 9.94
CA ALA A 85 -22.23 -13.38 10.91
C ALA A 85 -22.55 -13.83 12.34
N PHE A 86 -23.82 -14.20 12.62
CA PHE A 86 -24.23 -14.69 13.95
C PHE A 86 -23.66 -16.08 14.24
N ILE A 87 -23.52 -16.93 13.19
CA ILE A 87 -22.93 -18.27 13.33
C ILE A 87 -21.42 -18.09 13.56
N ALA A 88 -20.82 -17.02 13.01
CA ALA A 88 -19.43 -16.66 13.23
C ALA A 88 -19.23 -16.15 14.69
N VAL A 89 -20.20 -15.37 15.24
CA VAL A 89 -20.26 -14.89 16.63
C VAL A 89 -20.37 -16.12 17.54
N LEU A 90 -21.29 -17.07 17.23
CA LEU A 90 -21.41 -18.34 17.96
C LEU A 90 -20.09 -19.16 17.98
N LYS A 91 -19.49 -19.37 16.79
CA LYS A 91 -18.23 -20.11 16.61
C LYS A 91 -17.11 -19.50 17.44
N TYR A 92 -16.88 -18.16 17.31
CA TYR A 92 -15.88 -17.40 18.04
C TYR A 92 -16.03 -17.57 19.55
N MET A 93 -17.27 -17.51 20.04
CA MET A 93 -17.60 -17.57 21.46
C MET A 93 -17.70 -19.00 22.02
N GLY A 94 -17.46 -20.01 21.18
CA GLY A 94 -17.51 -21.43 21.51
C GLY A 94 -18.91 -22.01 21.61
N ASP A 95 -19.94 -21.28 21.14
CA ASP A 95 -21.35 -21.70 21.24
C ASP A 95 -21.87 -22.46 20.01
N TYR A 96 -20.97 -22.75 19.08
CA TYR A 96 -21.26 -23.44 17.84
C TYR A 96 -19.99 -24.16 17.44
N PRO A 97 -20.09 -25.43 16.97
CA PRO A 97 -18.88 -26.17 16.54
C PRO A 97 -18.12 -25.50 15.40
N SER A 98 -16.80 -25.66 15.39
CA SER A 98 -15.96 -25.13 14.33
C SER A 98 -14.73 -26.05 14.05
N LYS A 99 -13.52 -25.59 14.43
CA LYS A 99 -12.24 -26.28 14.27
C LYS A 99 -11.15 -25.51 15.06
N ARG A 100 -9.86 -25.88 14.85
CA ARG A 100 -8.68 -25.20 15.39
C ARG A 100 -8.25 -24.34 14.20
N THR A 101 -9.07 -23.29 13.95
CA THR A 101 -9.01 -22.34 12.83
C THR A 101 -7.59 -21.83 12.54
N ARG A 102 -7.25 -21.78 11.22
CA ARG A 102 -5.95 -21.36 10.69
C ARG A 102 -5.63 -19.89 11.08
N SER A 103 -6.39 -18.92 10.53
CA SER A 103 -6.15 -17.52 10.85
C SER A 103 -6.86 -17.14 12.13
N VAL A 104 -6.24 -16.21 12.90
CA VAL A 104 -6.77 -15.65 14.14
C VAL A 104 -7.93 -14.70 13.78
N ASN A 105 -7.98 -14.28 12.48
CA ASN A 105 -8.97 -13.35 11.96
C ASN A 105 -9.92 -13.97 10.91
N GLU A 106 -10.00 -15.32 10.84
CA GLU A 106 -10.90 -16.00 9.92
C GLU A 106 -12.38 -15.84 10.32
N LEU A 107 -12.68 -15.93 11.65
CA LEU A 107 -14.03 -15.83 12.20
C LEU A 107 -14.45 -14.36 12.33
N THR A 108 -13.52 -13.48 12.77
CA THR A 108 -13.80 -12.05 12.90
C THR A 108 -14.00 -11.36 11.55
N ASP A 109 -13.46 -11.89 10.46
CA ASP A 109 -13.69 -11.34 9.10
C ASP A 109 -15.13 -11.63 8.69
N GLN A 110 -15.63 -12.84 9.02
CA GLN A 110 -16.99 -13.29 8.73
C GLN A 110 -18.01 -12.49 9.54
N ILE A 111 -17.65 -12.11 10.79
CA ILE A 111 -18.51 -11.34 11.68
C ILE A 111 -18.67 -9.90 11.18
N PHE A 112 -17.57 -9.27 10.71
CA PHE A 112 -17.62 -7.83 10.38
C PHE A 112 -17.61 -7.46 8.90
N GLU A 113 -17.29 -8.39 7.96
CA GLU A 113 -17.30 -8.05 6.52
C GLU A 113 -18.68 -7.55 6.04
N GLY A 114 -19.76 -8.10 6.63
CA GLY A 114 -21.14 -7.70 6.38
C GLY A 114 -21.40 -6.27 6.79
N PRO A 115 -21.33 -5.90 8.10
CA PRO A 115 -21.52 -4.50 8.50
C PRO A 115 -20.57 -3.45 7.86
N LEU A 116 -19.33 -3.86 7.50
CA LEU A 116 -18.37 -2.93 6.89
C LEU A 116 -18.72 -2.57 5.43
N LYS A 117 -19.47 -3.46 4.72
CA LYS A 117 -19.91 -3.29 3.34
C LYS A 117 -21.35 -2.76 3.25
N ALA A 118 -22.15 -2.86 4.35
CA ALA A 118 -23.54 -2.40 4.38
C ALA A 118 -23.92 -1.75 5.71
N GLU A 119 -24.36 -0.48 5.65
CA GLU A 119 -24.78 0.29 6.82
C GLU A 119 -25.90 -0.37 7.60
N PRO A 120 -26.98 -0.95 6.99
CA PRO A 120 -28.05 -1.54 7.82
C PRO A 120 -27.56 -2.67 8.75
N LEU A 121 -26.43 -3.32 8.41
CA LEU A 121 -25.84 -4.42 9.17
C LEU A 121 -24.97 -3.99 10.35
N LYS A 122 -24.59 -2.69 10.40
CA LYS A 122 -23.80 -2.11 11.49
C LYS A 122 -24.49 -2.19 12.85
N ASP A 123 -25.80 -1.91 12.92
CA ASP A 123 -26.57 -1.97 14.16
C ASP A 123 -26.90 -3.42 14.55
N GLU A 124 -27.02 -4.30 13.53
CA GLU A 124 -27.26 -5.74 13.69
C GLU A 124 -26.06 -6.37 14.42
N ALA A 125 -24.83 -5.92 14.06
CA ALA A 125 -23.54 -6.34 14.66
C ALA A 125 -23.52 -6.10 16.16
N TYR A 126 -23.93 -4.89 16.60
CA TYR A 126 -24.00 -4.47 17.99
C TYR A 126 -25.06 -5.23 18.80
N VAL A 127 -26.31 -5.30 18.30
CA VAL A 127 -27.42 -5.98 19.00
C VAL A 127 -27.14 -7.48 19.11
N GLN A 128 -26.48 -8.09 18.09
CA GLN A 128 -26.09 -9.51 18.13
C GLN A 128 -25.09 -9.78 19.24
N ILE A 129 -24.02 -8.94 19.31
CA ILE A 129 -22.97 -9.05 20.31
C ILE A 129 -23.56 -8.81 21.72
N LEU A 130 -24.37 -7.76 21.86
CA LEU A 130 -24.99 -7.39 23.14
C LEU A 130 -25.93 -8.46 23.67
N LYS A 131 -26.72 -9.09 22.77
CA LYS A 131 -27.61 -10.22 23.03
C LYS A 131 -26.78 -11.37 23.60
N GLN A 132 -25.72 -11.77 22.91
CA GLN A 132 -24.83 -12.87 23.30
C GLN A 132 -24.04 -12.63 24.60
N LEU A 133 -23.98 -11.35 25.11
CA LEU A 133 -23.36 -10.94 26.39
C LEU A 133 -24.42 -10.80 27.50
N THR A 134 -25.71 -10.83 27.14
CA THR A 134 -26.85 -10.73 28.07
C THR A 134 -27.22 -12.15 28.53
N ASP A 135 -27.28 -12.34 29.87
CA ASP A 135 -27.63 -13.60 30.55
C ASP A 135 -26.92 -14.83 29.93
N ASN A 136 -25.57 -14.74 29.86
CA ASN A 136 -24.66 -15.74 29.32
C ASN A 136 -24.04 -16.49 30.49
N HIS A 137 -24.54 -17.72 30.71
CA HIS A 137 -24.17 -18.65 31.78
C HIS A 137 -22.69 -19.10 31.67
N ILE A 138 -22.21 -19.36 30.44
CA ILE A 138 -20.86 -19.83 30.11
C ILE A 138 -19.81 -18.68 30.18
N ARG A 139 -18.83 -18.81 31.08
CA ARG A 139 -17.75 -17.85 31.34
C ARG A 139 -16.78 -17.72 30.17
N TYR A 140 -16.45 -18.85 29.49
CA TYR A 140 -15.56 -18.86 28.33
C TYR A 140 -16.21 -18.08 27.20
N SER A 141 -17.54 -18.27 27.02
CA SER A 141 -18.37 -17.62 26.02
C SER A 141 -18.45 -16.10 26.23
N GLU A 142 -18.80 -15.68 27.46
CA GLU A 142 -18.94 -14.29 27.88
C GLU A 142 -17.62 -13.52 27.74
N GLU A 143 -16.47 -14.17 28.02
CA GLU A 143 -15.13 -13.58 27.88
C GLU A 143 -14.82 -13.35 26.42
N ARG A 144 -15.30 -14.25 25.53
CA ARG A 144 -15.09 -14.13 24.08
C ARG A 144 -15.97 -13.05 23.43
N GLY A 145 -17.20 -12.93 23.90
CA GLY A 145 -18.13 -11.89 23.43
C GLY A 145 -17.62 -10.49 23.72
N TRP A 146 -16.92 -10.33 24.84
CA TRP A 146 -16.33 -9.06 25.24
C TRP A 146 -15.25 -8.62 24.29
N GLU A 147 -14.44 -9.58 23.78
CA GLU A 147 -13.36 -9.37 22.80
C GLU A 147 -13.97 -8.84 21.51
N LEU A 148 -15.14 -9.41 21.12
CA LEU A 148 -15.88 -9.02 19.95
C LEU A 148 -16.47 -7.63 20.04
N LEU A 149 -16.99 -7.26 21.23
CA LEU A 149 -17.54 -5.94 21.46
C LEU A 149 -16.41 -4.94 21.46
N TRP A 150 -15.27 -5.29 22.05
CA TRP A 150 -14.11 -4.41 22.01
C TRP A 150 -13.67 -4.19 20.54
N LEU A 151 -13.61 -5.27 19.72
CA LEU A 151 -13.28 -5.16 18.29
C LEU A 151 -14.31 -4.30 17.51
N CYS A 152 -15.61 -4.47 17.83
CA CYS A 152 -16.71 -3.72 17.23
C CYS A 152 -16.60 -2.24 17.47
N THR A 153 -16.37 -1.83 18.73
CA THR A 153 -16.29 -0.41 19.13
C THR A 153 -15.14 0.36 18.42
N GLY A 154 -14.13 -0.35 17.96
CA GLY A 154 -13.02 0.22 17.20
C GLY A 154 -13.20 0.20 15.69
N LEU A 155 -14.35 -0.32 15.18
CA LEU A 155 -14.61 -0.38 13.73
C LEU A 155 -15.61 0.65 13.27
N PHE A 156 -16.69 0.80 14.03
CA PHE A 156 -17.75 1.73 13.68
C PHE A 156 -18.63 1.99 14.88
N PRO A 157 -19.24 3.19 14.98
CA PRO A 157 -20.15 3.43 16.10
C PRO A 157 -21.56 2.87 15.77
N PRO A 158 -22.48 2.74 16.77
CA PRO A 158 -23.84 2.33 16.42
C PRO A 158 -24.56 3.58 15.94
N SER A 159 -25.79 3.42 15.43
CA SER A 159 -26.61 4.54 14.99
C SER A 159 -26.91 5.46 16.21
N ASN A 160 -27.53 6.61 15.95
CA ASN A 160 -27.92 7.56 16.98
C ASN A 160 -28.98 7.00 17.92
N ILE A 161 -29.88 6.16 17.36
CA ILE A 161 -30.98 5.48 18.06
C ILE A 161 -30.48 4.43 19.06
N LEU A 162 -29.54 3.57 18.59
CA LEU A 162 -28.96 2.49 19.37
C LEU A 162 -27.89 2.97 20.35
N LEU A 163 -27.03 3.92 19.95
CA LEU A 163 -25.92 4.43 20.77
C LEU A 163 -26.24 4.55 22.27
N PRO A 164 -27.34 5.25 22.73
CA PRO A 164 -27.62 5.32 24.18
C PRO A 164 -27.74 3.97 24.88
N HIS A 165 -28.36 2.97 24.22
CA HIS A 165 -28.58 1.61 24.74
C HIS A 165 -27.25 0.88 24.91
N VAL A 166 -26.37 0.97 23.90
CA VAL A 166 -25.01 0.39 23.93
C VAL A 166 -24.23 1.01 25.09
N GLN A 167 -24.35 2.35 25.28
CA GLN A 167 -23.73 3.12 26.37
C GLN A 167 -24.30 2.72 27.73
N ARG A 168 -25.63 2.60 27.86
CA ARG A 168 -26.25 2.19 29.12
C ARG A 168 -25.85 0.73 29.45
N PHE A 169 -25.70 -0.13 28.40
CA PHE A 169 -25.28 -1.55 28.55
C PHE A 169 -23.88 -1.61 29.18
N LEU A 170 -22.95 -0.82 28.63
CA LEU A 170 -21.56 -0.73 29.06
C LEU A 170 -21.40 -0.05 30.41
N GLN A 171 -22.12 1.05 30.65
CA GLN A 171 -22.07 1.81 31.91
C GLN A 171 -22.58 1.04 33.14
N SER A 172 -23.47 0.06 32.94
CA SER A 172 -24.04 -0.76 34.00
C SER A 172 -23.19 -2.01 34.26
N ARG A 173 -22.12 -2.19 33.47
CA ARG A 173 -21.20 -3.32 33.54
C ARG A 173 -19.76 -2.84 33.68
N LYS A 174 -19.53 -1.71 34.39
CA LYS A 174 -18.20 -1.13 34.63
C LYS A 174 -17.20 -2.11 35.28
N HIS A 175 -17.69 -3.10 36.06
CA HIS A 175 -16.90 -4.15 36.71
C HIS A 175 -16.25 -5.16 35.71
N CYS A 176 -16.79 -5.25 34.47
CA CYS A 176 -16.23 -6.08 33.39
C CYS A 176 -14.97 -5.37 32.87
N PRO A 177 -13.80 -6.07 32.86
CA PRO A 177 -12.52 -5.41 32.47
C PRO A 177 -12.44 -4.66 31.13
N LEU A 178 -13.36 -4.87 30.18
CA LEU A 178 -13.28 -4.13 28.90
C LEU A 178 -14.38 -3.08 28.70
N ALA A 179 -15.34 -2.96 29.64
CA ALA A 179 -16.45 -2.05 29.50
C ALA A 179 -16.03 -0.59 29.39
N ILE A 180 -15.11 -0.08 30.26
CA ILE A 180 -14.66 1.32 30.18
C ILE A 180 -13.87 1.53 28.88
N ASP A 181 -13.11 0.53 28.40
CA ASP A 181 -12.39 0.72 27.12
C ASP A 181 -13.35 0.81 25.93
N CYS A 182 -14.38 -0.06 25.86
CA CYS A 182 -15.41 0.01 24.81
C CYS A 182 -16.10 1.37 24.77
N LEU A 183 -16.43 1.94 25.95
CA LEU A 183 -17.03 3.30 26.05
C LEU A 183 -16.10 4.37 25.47
N GLN A 184 -14.81 4.22 25.73
CA GLN A 184 -13.76 5.11 25.26
C GLN A 184 -13.63 4.97 23.73
N ARG A 185 -13.53 3.74 23.22
CA ARG A 185 -13.42 3.44 21.77
C ARG A 185 -14.62 3.96 20.97
N LEU A 186 -15.86 3.85 21.56
CA LEU A 186 -17.11 4.35 20.96
C LEU A 186 -16.96 5.81 20.58
N GLN A 187 -16.43 6.60 21.51
CA GLN A 187 -16.16 8.03 21.38
C GLN A 187 -15.20 8.33 20.22
N LYS A 188 -14.11 7.53 20.10
CA LYS A 188 -13.11 7.65 19.05
C LYS A 188 -13.65 7.23 17.67
N ALA A 189 -14.62 6.28 17.65
CA ALA A 189 -15.30 5.77 16.46
C ALA A 189 -16.29 6.81 15.92
N LEU A 190 -17.00 7.52 16.84
CA LEU A 190 -17.93 8.62 16.49
C LEU A 190 -17.14 9.81 15.91
N ARG A 191 -15.92 10.04 16.44
CA ARG A 191 -15.06 11.12 15.97
C ARG A 191 -14.38 10.82 14.63
N ASN A 192 -13.57 9.76 14.54
CA ASN A 192 -12.80 9.41 13.34
C ASN A 192 -13.59 8.79 12.19
N GLY A 193 -14.84 8.38 12.43
CA GLY A 193 -15.65 7.73 11.42
C GLY A 193 -15.41 6.23 11.37
N SER A 194 -16.06 5.56 10.42
CA SER A 194 -16.00 4.11 10.30
C SER A 194 -14.82 3.56 9.50
N ARG A 195 -14.32 2.38 9.94
CA ARG A 195 -13.28 1.59 9.31
C ARG A 195 -13.91 0.94 8.05
N LYS A 196 -13.06 0.44 7.11
CA LYS A 196 -13.49 -0.17 5.87
C LYS A 196 -13.16 -1.65 5.82
N TYR A 197 -12.09 -2.07 6.53
CA TYR A 197 -11.63 -3.46 6.51
C TYR A 197 -11.77 -4.13 7.90
N PRO A 198 -11.97 -5.47 7.97
CA PRO A 198 -12.19 -6.13 9.28
C PRO A 198 -10.99 -6.03 10.21
N PRO A 199 -11.08 -6.35 11.54
CA PRO A 199 -9.90 -6.19 12.39
C PRO A 199 -8.65 -6.91 11.89
N HIS A 200 -7.49 -6.21 11.98
CA HIS A 200 -6.18 -6.72 11.65
C HIS A 200 -5.84 -7.75 12.72
N LEU A 201 -4.94 -8.71 12.39
CA LEU A 201 -4.50 -9.74 13.33
C LEU A 201 -3.85 -9.16 14.60
N VAL A 202 -3.21 -7.96 14.53
CA VAL A 202 -2.58 -7.38 15.72
C VAL A 202 -3.68 -6.93 16.75
N GLU A 203 -4.83 -6.40 16.26
CA GLU A 203 -6.00 -6.00 17.07
C GLU A 203 -6.63 -7.21 17.78
N VAL A 204 -6.87 -8.32 17.04
CA VAL A 204 -7.42 -9.59 17.54
C VAL A 204 -6.46 -10.24 18.55
N GLU A 205 -5.15 -10.36 18.21
CA GLU A 205 -4.18 -10.95 19.15
C GLU A 205 -4.05 -10.11 20.44
N ALA A 206 -4.03 -8.77 20.34
CA ALA A 206 -3.94 -7.90 21.50
C ALA A 206 -5.07 -8.19 22.50
N ILE A 207 -6.35 -8.13 22.07
CA ILE A 207 -7.49 -8.33 22.97
C ILE A 207 -7.58 -9.79 23.54
N GLN A 208 -7.13 -10.79 22.76
CA GLN A 208 -7.10 -12.18 23.19
C GLN A 208 -6.01 -12.39 24.23
N HIS A 209 -4.95 -11.55 24.17
CA HIS A 209 -3.85 -11.54 25.12
C HIS A 209 -4.12 -10.58 26.28
N LYS A 210 -5.41 -10.18 26.46
CA LYS A 210 -5.93 -9.31 27.52
C LYS A 210 -5.26 -7.90 27.55
N THR A 211 -4.70 -7.44 26.42
CA THR A 211 -4.04 -6.13 26.34
C THR A 211 -4.79 -5.20 25.40
N THR A 212 -5.25 -4.05 25.91
CA THR A 212 -6.01 -3.06 25.13
C THR A 212 -5.11 -2.03 24.43
N GLN A 213 -3.81 -1.96 24.83
CA GLN A 213 -2.81 -1.05 24.26
C GLN A 213 -1.99 -1.76 23.18
N ILE A 214 -1.86 -1.16 21.99
CA ILE A 214 -1.06 -1.75 20.91
C ILE A 214 0.10 -0.82 20.62
N PHE A 215 1.27 -1.39 20.38
CA PHE A 215 2.50 -0.69 20.04
C PHE A 215 3.02 -1.26 18.75
N HIS A 216 3.32 -0.39 17.80
CA HIS A 216 3.83 -0.75 16.50
C HIS A 216 5.18 -0.09 16.29
N LYS A 217 6.10 -0.83 15.72
CA LYS A 217 7.45 -0.41 15.40
C LYS A 217 7.40 0.47 14.12
N VAL A 218 8.19 1.56 14.11
CA VAL A 218 8.34 2.47 12.97
C VAL A 218 9.84 2.65 12.74
N TYR A 219 10.24 2.46 11.47
CA TYR A 219 11.61 2.53 10.99
C TYR A 219 11.90 3.86 10.34
N PHE A 220 13.09 4.39 10.62
CA PHE A 220 13.55 5.69 10.12
C PHE A 220 14.79 5.57 9.19
N PRO A 221 15.01 6.54 8.26
CA PRO A 221 16.17 6.40 7.34
C PRO A 221 17.55 6.41 8.00
N ASP A 222 17.66 6.62 9.32
CA ASP A 222 18.95 6.67 9.98
C ASP A 222 19.38 5.33 10.60
N ASP A 223 18.71 4.27 10.17
CA ASP A 223 18.88 2.90 10.60
C ASP A 223 18.53 2.71 12.10
N THR A 224 17.44 3.36 12.53
CA THR A 224 16.88 3.24 13.87
C THR A 224 15.35 3.01 13.75
N ASP A 225 14.75 2.54 14.85
CA ASP A 225 13.34 2.29 14.95
C ASP A 225 12.85 2.60 16.35
N GLU A 226 11.55 2.82 16.49
CA GLU A 226 10.92 3.11 17.76
C GLU A 226 9.50 2.56 17.76
N ALA A 227 8.97 2.24 18.96
CA ALA A 227 7.63 1.69 19.16
C ALA A 227 6.69 2.83 19.51
N PHE A 228 5.65 3.00 18.69
CA PHE A 228 4.64 4.04 18.88
C PHE A 228 3.33 3.36 19.15
N GLU A 229 2.52 3.94 20.03
CA GLU A 229 1.21 3.40 20.34
C GLU A 229 0.23 3.64 19.17
N VAL A 230 -0.51 2.59 18.82
CA VAL A 230 -1.52 2.66 17.78
C VAL A 230 -2.84 2.15 18.31
N GLU A 231 -3.93 2.78 17.85
CA GLU A 231 -5.29 2.37 18.16
C GLU A 231 -6.01 1.95 16.87
N SER A 232 -7.18 1.30 17.00
CA SER A 232 -8.03 0.89 15.89
C SER A 232 -8.48 2.12 15.08
N SER A 233 -8.71 3.25 15.76
CA SER A 233 -9.15 4.53 15.17
C SER A 233 -8.02 5.39 14.56
N THR A 234 -6.75 5.03 14.78
CA THR A 234 -5.57 5.75 14.26
C THR A 234 -5.57 5.91 12.70
N LYS A 235 -5.50 7.16 12.26
CA LYS A 235 -5.41 7.59 10.87
C LYS A 235 -3.95 7.93 10.67
N ALA A 236 -3.40 7.68 9.44
CA ALA A 236 -2.00 7.97 9.11
C ALA A 236 -1.57 9.39 9.47
N LYS A 237 -2.43 10.42 9.28
CA LYS A 237 -2.12 11.81 9.63
C LYS A 237 -1.85 11.99 11.14
N ASP A 238 -2.68 11.40 12.02
CA ASP A 238 -2.50 11.49 13.49
C ASP A 238 -1.19 10.78 13.84
N PHE A 239 -1.02 9.53 13.35
CA PHE A 239 0.18 8.73 13.53
C PHE A 239 1.44 9.52 13.15
N CYS A 240 1.42 10.18 11.96
CA CYS A 240 2.48 11.04 11.44
C CYS A 240 2.74 12.21 12.37
N GLN A 241 1.68 12.79 12.95
CA GLN A 241 1.82 13.93 13.87
C GLN A 241 2.43 13.52 15.20
N ASN A 242 2.15 12.31 15.68
CA ASN A 242 2.75 11.79 16.93
C ASN A 242 4.23 11.51 16.74
N ILE A 243 4.60 10.95 15.55
CA ILE A 243 6.00 10.69 15.23
C ILE A 243 6.73 12.02 15.13
N ALA A 244 6.14 13.00 14.41
CA ALA A 244 6.74 14.32 14.21
C ALA A 244 6.97 15.04 15.51
N THR A 245 6.00 15.01 16.42
CA THR A 245 6.08 15.63 17.75
C THR A 245 7.23 14.99 18.54
N ARG A 246 7.28 13.64 18.56
CA ARG A 246 8.32 12.86 19.21
C ARG A 246 9.72 13.24 18.74
N LEU A 247 9.90 13.33 17.42
CA LEU A 247 11.19 13.60 16.81
C LEU A 247 11.58 15.06 16.82
N LEU A 248 10.75 15.94 17.43
CA LEU A 248 11.00 17.38 17.58
C LEU A 248 11.23 18.10 16.20
N LEU A 249 10.42 17.70 15.20
CA LEU A 249 10.43 18.28 13.87
C LEU A 249 9.63 19.59 13.92
N LYS A 250 10.06 20.61 13.15
CA LYS A 250 9.40 21.92 13.07
C LYS A 250 8.12 21.84 12.27
N SER A 251 8.01 20.83 11.37
CA SER A 251 6.83 20.58 10.54
C SER A 251 6.71 19.12 10.13
N SER A 252 5.48 18.58 10.05
CA SER A 252 5.26 17.22 9.54
C SER A 252 4.88 17.25 8.04
N GLU A 253 4.89 18.44 7.43
CA GLU A 253 4.59 18.68 6.03
C GLU A 253 5.60 17.95 5.11
N GLY A 254 5.07 17.23 4.13
CA GLY A 254 5.85 16.44 3.17
C GLY A 254 6.24 15.06 3.69
N PHE A 255 6.02 14.80 5.00
CA PHE A 255 6.33 13.52 5.62
C PHE A 255 5.18 12.55 5.48
N SER A 256 5.49 11.25 5.45
CA SER A 256 4.49 10.22 5.21
C SER A 256 4.86 8.85 5.80
N LEU A 257 3.83 8.00 6.03
CA LEU A 257 4.05 6.61 6.42
C LEU A 257 4.18 5.82 5.13
N PHE A 258 4.98 4.77 5.18
CA PHE A 258 5.20 3.89 4.06
C PHE A 258 5.14 2.48 4.60
N VAL A 259 4.54 1.56 3.83
CA VAL A 259 4.50 0.15 4.20
C VAL A 259 5.35 -0.61 3.17
N LYS A 260 6.38 -1.29 3.68
CA LYS A 260 7.30 -2.12 2.90
C LYS A 260 6.85 -3.58 3.13
N ILE A 261 6.22 -4.15 2.11
CA ILE A 261 5.73 -5.53 2.16
C ILE A 261 6.24 -6.22 0.90
N ALA A 262 6.74 -7.47 1.06
CA ALA A 262 7.34 -8.28 0.00
C ALA A 262 8.32 -7.39 -0.79
N ASP A 263 8.01 -7.13 -2.06
CA ASP A 263 8.78 -6.27 -2.93
C ASP A 263 8.36 -4.79 -2.71
N LYS A 264 7.05 -4.53 -2.93
CA LYS A 264 6.32 -3.26 -2.82
C LYS A 264 6.68 -2.35 -1.61
N VAL A 265 6.66 -1.02 -1.84
CA VAL A 265 6.88 0.06 -0.86
C VAL A 265 5.86 1.15 -1.20
N LEU A 266 4.73 1.14 -0.48
CA LEU A 266 3.63 2.07 -0.74
C LEU A 266 3.50 3.14 0.31
N SER A 267 3.09 4.34 -0.11
CA SER A 267 2.87 5.43 0.81
C SER A 267 1.43 5.30 1.34
N VAL A 268 1.19 5.70 2.58
CA VAL A 268 -0.11 5.58 3.21
C VAL A 268 -0.89 6.89 3.08
N PRO A 269 -2.08 6.90 2.41
CA PRO A 269 -2.88 8.13 2.31
C PRO A 269 -3.26 8.76 3.67
N GLU A 270 -2.99 10.07 3.80
CA GLU A 270 -3.19 10.93 4.98
C GLU A 270 -4.48 10.62 5.80
N ASN A 271 -5.65 10.43 5.13
CA ASN A 271 -6.94 10.24 5.81
C ASN A 271 -7.40 8.77 5.88
N ASP A 272 -6.49 7.84 5.63
CA ASP A 272 -6.75 6.41 5.70
C ASP A 272 -6.49 5.89 7.13
N PHE A 273 -7.26 4.87 7.56
CA PHE A 273 -7.02 4.28 8.87
C PHE A 273 -5.82 3.38 8.73
N PHE A 274 -4.82 3.54 9.63
CA PHE A 274 -3.61 2.74 9.62
C PHE A 274 -3.86 1.22 9.47
N PHE A 275 -4.80 0.64 10.28
CA PHE A 275 -5.06 -0.79 10.22
C PHE A 275 -5.77 -1.23 8.96
N ASP A 276 -6.56 -0.34 8.31
CA ASP A 276 -7.29 -0.58 7.05
C ASP A 276 -6.29 -0.66 5.91
N PHE A 277 -5.31 0.27 5.85
CA PHE A 277 -4.27 0.29 4.84
C PHE A 277 -3.44 -0.99 4.88
N VAL A 278 -2.94 -1.35 6.06
CA VAL A 278 -2.11 -2.55 6.24
C VAL A 278 -2.93 -3.80 5.86
N ARG A 279 -4.10 -4.00 6.49
CA ARG A 279 -5.01 -5.12 6.22
C ARG A 279 -5.30 -5.29 4.72
N HIS A 280 -5.75 -4.22 4.03
CA HIS A 280 -6.03 -4.26 2.60
C HIS A 280 -4.79 -4.61 1.74
N LEU A 281 -3.64 -3.99 2.03
CA LEU A 281 -2.39 -4.21 1.33
C LEU A 281 -1.91 -5.66 1.50
N THR A 282 -1.99 -6.20 2.72
CA THR A 282 -1.63 -7.60 3.01
C THR A 282 -2.64 -8.54 2.34
N ASP A 283 -3.94 -8.15 2.32
CA ASP A 283 -5.01 -8.93 1.67
C ASP A 283 -4.72 -9.03 0.18
N TRP A 284 -4.41 -7.88 -0.45
CA TRP A 284 -4.08 -7.77 -1.87
C TRP A 284 -2.87 -8.65 -2.28
N ILE A 285 -1.75 -8.58 -1.51
CA ILE A 285 -0.51 -9.37 -1.70
C ILE A 285 -0.81 -10.88 -1.60
N LYS A 286 -1.75 -11.28 -0.73
CA LYS A 286 -2.19 -12.66 -0.49
C LYS A 286 -2.95 -13.26 -1.67
N LYS A 287 -3.58 -12.41 -2.52
CA LYS A 287 -4.30 -12.86 -3.72
C LYS A 287 -3.30 -13.33 -4.79
N ALA A 288 -2.19 -12.57 -4.98
CA ALA A 288 -1.12 -12.86 -5.93
C ALA A 288 -0.07 -13.89 -5.41
N ARG A 289 -0.23 -14.38 -4.15
CA ARG A 289 0.65 -15.36 -3.52
C ARG A 289 -0.11 -16.61 -3.10
N SER A 298 6.13 -15.03 2.75
CA SER A 298 5.89 -14.52 4.10
C SER A 298 5.22 -13.16 4.03
N LEU A 299 4.05 -13.03 4.70
CA LEU A 299 3.28 -11.79 4.71
C LEU A 299 3.74 -10.84 5.82
N THR A 300 5.08 -10.61 5.90
CA THR A 300 5.69 -9.70 6.88
C THR A 300 5.88 -8.30 6.28
N TYR A 301 5.44 -7.27 7.03
CA TYR A 301 5.53 -5.87 6.63
C TYR A 301 6.39 -5.01 7.59
N GLN A 302 6.87 -3.86 7.10
CA GLN A 302 7.63 -2.87 7.87
C GLN A 302 6.99 -1.51 7.66
N VAL A 303 6.85 -0.75 8.73
CA VAL A 303 6.29 0.59 8.66
C VAL A 303 7.45 1.59 8.78
N PHE A 304 7.57 2.43 7.75
CA PHE A 304 8.57 3.48 7.62
C PHE A 304 7.96 4.83 7.71
N PHE A 305 8.72 5.80 8.23
CA PHE A 305 8.34 7.21 8.26
C PHE A 305 9.47 7.90 7.57
N MET A 306 9.15 8.64 6.50
CA MET A 306 10.13 9.32 5.65
C MET A 306 9.54 10.53 5.03
N LYS A 307 10.42 11.40 4.46
CA LYS A 307 10.07 12.56 3.66
C LYS A 307 9.65 12.00 2.30
N LYS A 308 8.44 12.39 1.85
CA LYS A 308 7.80 12.05 0.59
C LYS A 308 7.94 13.23 -0.37
N LEU A 309 7.41 14.44 0.03
CA LEU A 309 7.42 15.69 -0.74
C LEU A 309 8.46 16.67 -0.17
N TRP A 310 9.37 17.14 -1.04
CA TRP A 310 10.50 17.97 -0.66
C TRP A 310 10.37 19.49 -0.93
N THR A 311 9.17 19.94 -1.26
CA THR A 311 8.81 21.33 -1.56
C THR A 311 9.34 22.39 -0.55
N THR A 312 8.97 22.22 0.73
CA THR A 312 9.29 23.12 1.83
C THR A 312 10.63 22.85 2.50
N THR A 313 11.42 21.89 2.00
CA THR A 313 12.69 21.49 2.61
C THR A 313 13.81 22.47 2.31
N VAL A 314 14.35 23.07 3.38
CA VAL A 314 15.50 24.00 3.35
C VAL A 314 16.50 23.54 4.42
N PRO A 315 17.68 23.03 4.03
CA PRO A 315 18.64 22.57 5.06
C PRO A 315 19.07 23.73 5.94
N GLY A 316 19.06 23.48 7.25
CA GLY A 316 19.43 24.46 8.27
C GLY A 316 18.23 24.86 9.11
N LYS A 317 17.03 24.83 8.52
CA LYS A 317 15.77 25.20 9.16
C LYS A 317 15.33 24.27 10.31
N ASP A 318 15.41 22.96 10.06
CA ASP A 318 14.96 21.92 10.97
C ASP A 318 16.11 20.96 11.30
N PRO A 319 16.78 21.10 12.47
CA PRO A 319 17.91 20.21 12.78
C PRO A 319 17.60 18.70 12.78
N MET A 320 16.50 18.24 13.41
CA MET A 320 16.19 16.79 13.42
C MET A 320 15.75 16.23 12.08
N ALA A 321 15.04 17.05 11.26
CA ALA A 321 14.64 16.62 9.93
C ALA A 321 15.85 16.40 9.08
N ASP A 322 16.86 17.27 9.19
CA ASP A 322 18.13 17.17 8.47
C ASP A 322 18.96 15.98 8.94
N SER A 323 19.01 15.78 10.26
CA SER A 323 19.79 14.77 10.99
C SER A 323 19.34 13.35 10.73
N ILE A 324 18.00 13.10 10.83
CA ILE A 324 17.37 11.78 10.68
C ILE A 324 16.95 11.47 9.25
N PHE A 325 16.32 12.45 8.58
CA PHE A 325 15.72 12.22 7.27
C PHE A 325 16.49 12.72 6.06
N HIS A 326 16.73 14.01 5.95
CA HIS A 326 17.27 14.62 4.75
C HIS A 326 18.62 14.08 4.31
N TYR A 327 19.60 13.93 5.23
CA TYR A 327 20.92 13.40 4.90
C TYR A 327 20.84 11.94 4.45
N TYR A 328 20.19 11.11 5.26
CA TYR A 328 20.05 9.68 4.99
C TYR A 328 19.24 9.35 3.77
N GLN A 329 18.25 10.17 3.43
CA GLN A 329 17.45 9.99 2.21
C GLN A 329 18.19 10.49 0.95
N GLU A 330 18.95 11.60 1.05
CA GLU A 330 19.66 12.16 -0.10
C GLU A 330 20.98 11.42 -0.44
N LEU A 331 21.60 10.84 0.59
CA LEU A 331 22.86 10.05 0.48
C LEU A 331 22.81 8.93 -0.58
N PRO A 332 21.85 7.96 -0.54
CA PRO A 332 21.83 6.88 -1.55
C PRO A 332 21.50 7.32 -2.97
N LYS A 333 20.71 8.40 -3.11
CA LYS A 333 20.37 9.01 -4.41
C LYS A 333 21.68 9.51 -5.05
N TYR A 334 22.50 10.21 -4.22
CA TYR A 334 23.80 10.76 -4.60
C TYR A 334 24.77 9.65 -4.96
N LEU A 335 24.87 8.59 -4.11
CA LEU A 335 25.77 7.46 -4.36
C LEU A 335 25.37 6.62 -5.58
N ARG A 336 24.07 6.62 -6.00
CA ARG A 336 23.63 5.90 -7.22
C ARG A 336 24.14 6.60 -8.48
N GLY A 337 24.48 7.86 -8.36
CA GLY A 337 24.98 8.68 -9.44
C GLY A 337 23.91 9.45 -10.19
N TYR A 338 22.73 9.63 -9.57
CA TYR A 338 21.60 10.34 -10.16
C TYR A 338 21.85 11.81 -10.46
N HIS A 339 22.83 12.44 -9.79
CA HIS A 339 23.16 13.86 -9.92
C HIS A 339 24.37 14.18 -10.80
N LYS A 340 24.38 15.40 -11.34
CA LYS A 340 25.49 15.95 -12.10
C LYS A 340 26.32 16.75 -11.08
N CYS A 341 27.59 16.37 -10.91
CA CYS A 341 28.52 16.99 -9.98
C CYS A 341 29.95 17.03 -10.57
N THR A 342 30.76 17.98 -10.09
CA THR A 342 32.17 18.14 -10.49
C THR A 342 33.05 17.26 -9.58
N ARG A 343 34.30 17.02 -9.97
CA ARG A 343 35.22 16.22 -9.15
C ARG A 343 35.50 16.90 -7.78
N GLU A 344 35.51 18.26 -7.74
CA GLU A 344 35.73 19.05 -6.51
C GLU A 344 34.64 18.71 -5.49
N GLU A 345 33.38 18.65 -5.96
CA GLU A 345 32.21 18.31 -5.17
C GLU A 345 32.22 16.87 -4.65
N VAL A 346 32.62 15.88 -5.48
CA VAL A 346 32.66 14.46 -5.06
C VAL A 346 33.75 14.24 -3.99
N LEU A 347 34.86 15.00 -4.04
CA LEU A 347 35.93 14.91 -3.05
C LEU A 347 35.47 15.50 -1.74
N GLN A 348 34.78 16.66 -1.81
CA GLN A 348 34.18 17.39 -0.70
C GLN A 348 33.13 16.53 -0.01
N LEU A 349 32.17 16.01 -0.78
CA LEU A 349 31.11 15.13 -0.26
C LEU A 349 31.65 13.78 0.26
N GLY A 350 32.73 13.29 -0.34
CA GLY A 350 33.39 12.06 0.07
C GLY A 350 33.97 12.19 1.46
N ALA A 351 34.75 13.27 1.66
CA ALA A 351 35.37 13.69 2.92
C ALA A 351 34.28 14.04 3.96
N LEU A 352 33.14 14.59 3.52
CA LEU A 352 32.02 14.88 4.39
C LEU A 352 31.32 13.61 4.87
N ILE A 353 31.15 12.57 4.01
CA ILE A 353 30.54 11.29 4.39
C ILE A 353 31.41 10.58 5.43
N TYR A 354 32.73 10.52 5.19
CA TYR A 354 33.70 9.94 6.10
C TYR A 354 33.51 10.53 7.51
N ARG A 355 33.40 11.89 7.60
CA ARG A 355 33.17 12.67 8.83
C ARG A 355 31.83 12.33 9.51
N VAL A 356 30.79 11.99 8.73
CA VAL A 356 29.50 11.62 9.34
C VAL A 356 29.68 10.25 10.01
N LYS A 357 30.47 9.38 9.36
CA LYS A 357 30.69 8.01 9.82
C LYS A 357 31.65 7.88 11.00
N PHE A 358 32.80 8.57 10.97
CA PHE A 358 33.85 8.41 11.98
C PHE A 358 34.30 9.69 12.68
N GLU A 359 33.67 10.85 12.40
CA GLU A 359 34.00 12.15 13.02
C GLU A 359 35.49 12.53 12.81
N GLU A 360 36.22 12.84 13.89
CA GLU A 360 37.63 13.25 13.81
C GLU A 360 38.64 12.09 13.73
N ASP A 361 38.17 10.83 13.92
CA ASP A 361 38.98 9.61 13.89
C ASP A 361 39.62 9.39 12.50
N LYS A 362 40.95 9.29 12.47
CA LYS A 362 41.73 9.11 11.26
C LYS A 362 42.21 7.65 11.11
N SER A 363 41.73 6.74 11.99
CA SER A 363 42.10 5.33 11.96
C SER A 363 41.38 4.52 10.89
N TYR A 364 40.34 5.10 10.26
CA TYR A 364 39.61 4.45 9.16
C TYR A 364 40.04 5.02 7.79
N PHE A 365 41.07 5.91 7.78
CA PHE A 365 41.66 6.51 6.58
C PHE A 365 42.17 5.42 5.62
N PRO A 366 42.93 4.37 6.06
CA PRO A 366 43.37 3.34 5.11
C PRO A 366 42.23 2.44 4.62
N SER A 367 41.02 2.58 5.21
CA SER A 367 39.82 1.80 4.85
C SER A 367 38.98 2.48 3.75
N ILE A 368 39.39 3.69 3.29
CA ILE A 368 38.71 4.48 2.24
C ILE A 368 38.62 3.65 0.93
N PRO A 369 39.70 3.01 0.40
CA PRO A 369 39.56 2.16 -0.81
C PRO A 369 38.49 1.07 -0.67
N LYS A 370 38.46 0.35 0.48
CA LYS A 370 37.49 -0.69 0.80
C LYS A 370 36.05 -0.14 0.96
N LEU A 371 35.90 1.15 1.36
CA LEU A 371 34.58 1.77 1.57
C LEU A 371 34.18 2.78 0.48
N LEU A 372 34.80 2.70 -0.70
CA LEU A 372 34.55 3.63 -1.81
C LEU A 372 33.09 3.68 -2.27
N ARG A 373 32.40 2.52 -2.31
CA ARG A 373 30.98 2.44 -2.70
C ARG A 373 30.08 3.22 -1.74
N GLU A 374 30.58 3.47 -0.52
CA GLU A 374 29.88 4.22 0.53
C GLU A 374 30.29 5.71 0.54
N LEU A 375 31.36 6.08 -0.18
CA LEU A 375 31.92 7.43 -0.21
C LEU A 375 31.88 8.18 -1.54
N VAL A 376 31.87 7.45 -2.67
CA VAL A 376 31.91 8.01 -4.02
C VAL A 376 30.76 7.43 -4.88
N PRO A 377 30.11 8.25 -5.78
CA PRO A 377 29.08 7.68 -6.68
C PRO A 377 29.62 6.53 -7.56
N GLN A 378 28.82 5.43 -7.61
CA GLN A 378 28.97 4.17 -8.34
C GLN A 378 29.71 4.26 -9.67
N ASP A 379 29.23 5.19 -10.50
CA ASP A 379 29.67 5.45 -11.87
C ASP A 379 31.06 6.13 -11.97
N LEU A 380 31.47 6.86 -10.93
CA LEU A 380 32.74 7.58 -10.95
C LEU A 380 33.90 6.83 -10.31
N ILE A 381 33.61 5.78 -9.51
CA ILE A 381 34.62 4.99 -8.79
C ILE A 381 35.78 4.58 -9.71
N ARG A 382 35.48 4.08 -10.93
CA ARG A 382 36.45 3.61 -11.94
C ARG A 382 37.33 4.71 -12.56
N GLN A 383 36.90 5.99 -12.48
CA GLN A 383 37.60 7.15 -13.05
C GLN A 383 39.01 7.39 -12.50
N VAL A 384 39.23 6.98 -11.24
CA VAL A 384 40.47 7.17 -10.51
C VAL A 384 40.77 5.93 -9.65
N SER A 385 42.07 5.64 -9.45
CA SER A 385 42.57 4.53 -8.64
C SER A 385 42.12 4.65 -7.17
N PRO A 386 41.84 3.50 -6.48
CA PRO A 386 41.39 3.55 -5.08
C PRO A 386 42.23 4.37 -4.10
N ASP A 387 43.55 4.44 -4.31
CA ASP A 387 44.47 5.19 -3.45
C ASP A 387 44.58 6.68 -3.84
N ASP A 388 44.30 7.02 -5.12
CA ASP A 388 44.25 8.42 -5.57
C ASP A 388 42.99 9.09 -4.97
N TRP A 389 41.87 8.30 -4.83
CA TRP A 389 40.62 8.74 -4.19
C TRP A 389 40.92 8.96 -2.70
N LYS A 390 41.60 7.97 -2.06
CA LYS A 390 42.02 7.98 -0.66
C LYS A 390 42.82 9.25 -0.34
N ARG A 391 43.82 9.58 -1.17
CA ARG A 391 44.68 10.74 -1.00
C ARG A 391 43.91 12.06 -1.16
N SER A 392 43.01 12.14 -2.16
CA SER A 392 42.18 13.33 -2.42
C SER A 392 41.12 13.58 -1.31
N ILE A 393 40.46 12.49 -0.84
CA ILE A 393 39.46 12.55 0.23
C ILE A 393 40.14 12.97 1.54
N VAL A 394 41.33 12.37 1.86
CA VAL A 394 42.11 12.68 3.08
C VAL A 394 42.51 14.17 3.12
N ALA A 395 42.81 14.76 1.95
CA ALA A 395 43.15 16.18 1.83
C ALA A 395 41.95 17.10 2.11
N TYR A 396 40.76 16.73 1.59
CA TYR A 396 39.53 17.50 1.75
C TYR A 396 38.94 17.45 3.15
N PHE A 397 39.14 16.32 3.87
CA PHE A 397 38.67 16.08 5.24
C PHE A 397 39.30 17.08 6.22
N ASN A 398 40.62 17.24 6.12
CA ASN A 398 41.39 18.15 6.96
C ASN A 398 40.94 19.61 6.77
N LYS A 399 40.29 19.91 5.63
CA LYS A 399 39.76 21.24 5.30
C LYS A 399 38.44 21.48 6.03
N HIS A 400 37.78 20.42 6.50
CA HIS A 400 36.51 20.49 7.23
C HIS A 400 36.75 20.63 8.73
N ALA A 401 37.86 21.31 9.07
CA ALA A 401 38.34 21.70 10.40
C ALA A 401 38.16 20.61 11.46
N GLY A 402 37.42 20.94 12.49
CA GLY A 402 37.07 20.07 13.60
C GLY A 402 35.58 19.98 13.77
N LYS A 403 34.86 19.85 12.62
CA LYS A 403 33.41 19.71 12.52
C LYS A 403 32.97 18.37 13.03
N SER A 404 31.79 18.34 13.66
CA SER A 404 31.14 17.16 14.21
C SER A 404 30.42 16.36 13.11
N LYS A 405 29.95 15.14 13.45
CA LYS A 405 29.20 14.27 12.56
C LYS A 405 27.93 15.00 12.09
N GLU A 406 27.31 15.79 13.00
CA GLU A 406 26.10 16.57 12.74
C GLU A 406 26.33 17.76 11.82
N GLU A 407 27.40 18.54 12.05
CA GLU A 407 27.78 19.66 11.21
C GLU A 407 28.07 19.15 9.80
N ALA A 408 28.76 18.00 9.69
CA ALA A 408 29.09 17.32 8.43
C ALA A 408 27.81 16.95 7.66
N LYS A 409 26.75 16.50 8.37
CA LYS A 409 25.46 16.18 7.74
C LYS A 409 24.88 17.45 7.08
N LEU A 410 24.96 18.61 7.77
CA LEU A 410 24.44 19.87 7.24
C LEU A 410 25.29 20.42 6.08
N ALA A 411 26.62 20.39 6.21
CA ALA A 411 27.57 20.83 5.18
C ALA A 411 27.35 20.05 3.84
N PHE A 412 27.08 18.69 3.93
CA PHE A 412 26.76 17.78 2.82
C PHE A 412 25.48 18.20 2.16
N LEU A 413 24.44 18.44 2.97
CA LEU A 413 23.12 18.86 2.52
C LEU A 413 23.12 20.24 1.85
N LYS A 414 23.94 21.18 2.38
CA LYS A 414 23.96 22.54 1.90
C LYS A 414 24.60 22.63 0.52
N LEU A 415 25.58 21.77 0.25
CA LEU A 415 26.29 21.68 -1.01
C LEU A 415 25.40 21.11 -2.12
N ILE A 416 24.56 20.11 -1.79
CA ILE A 416 23.69 19.44 -2.75
C ILE A 416 22.37 20.20 -2.97
N PHE A 417 22.00 21.09 -2.04
CA PHE A 417 20.80 21.91 -2.14
C PHE A 417 20.92 22.95 -3.27
N LYS A 418 22.14 23.17 -3.76
CA LYS A 418 22.46 24.08 -4.86
C LYS A 418 22.12 23.46 -6.22
N TRP A 419 21.93 22.13 -6.25
CA TRP A 419 21.62 21.36 -7.47
C TRP A 419 20.13 21.35 -7.75
N PRO A 420 19.71 21.44 -9.02
CA PRO A 420 18.26 21.47 -9.30
C PRO A 420 17.55 20.13 -9.10
N THR A 421 18.32 19.06 -8.85
CA THR A 421 17.84 17.70 -8.64
C THR A 421 17.75 17.31 -7.12
N PHE A 422 17.90 18.29 -6.20
CA PHE A 422 17.78 18.06 -4.75
C PHE A 422 16.33 17.71 -4.46
N GLY A 423 16.12 16.77 -3.53
CA GLY A 423 14.79 16.36 -3.11
C GLY A 423 13.95 15.74 -4.20
N SER A 424 14.59 14.90 -5.04
CA SER A 424 13.95 14.21 -6.15
C SER A 424 13.67 12.76 -5.86
N ALA A 425 12.73 12.19 -6.64
CA ALA A 425 12.43 10.76 -6.66
C ALA A 425 12.85 10.40 -8.09
N PHE A 426 13.86 9.53 -8.21
CA PHE A 426 14.41 9.12 -9.50
C PHE A 426 13.91 7.76 -9.94
N PHE A 427 13.55 7.66 -11.22
CA PHE A 427 13.02 6.47 -11.90
C PHE A 427 13.74 6.26 -13.20
N GLU A 428 14.15 5.02 -13.45
CA GLU A 428 14.79 4.62 -14.71
C GLU A 428 13.68 4.06 -15.58
N VAL A 429 13.49 4.63 -16.78
CA VAL A 429 12.39 4.26 -17.68
C VAL A 429 12.87 4.09 -19.13
N LYS A 430 12.04 3.45 -19.96
CA LYS A 430 12.23 3.34 -21.40
C LYS A 430 11.12 4.19 -21.99
N GLN A 431 11.49 5.31 -22.59
CA GLN A 431 10.54 6.24 -23.17
C GLN A 431 10.28 5.85 -24.63
N THR A 432 9.02 5.97 -25.08
CA THR A 432 8.59 5.55 -26.43
C THR A 432 8.06 6.70 -27.35
N THR A 433 7.93 7.92 -26.81
CA THR A 433 7.33 9.10 -27.47
C THR A 433 8.34 10.15 -28.01
N GLU A 434 9.43 10.48 -27.29
CA GLU A 434 10.43 11.46 -27.73
C GLU A 434 11.50 10.86 -28.65
N PRO A 435 11.67 11.38 -29.89
CA PRO A 435 12.65 10.76 -30.81
C PRO A 435 14.09 11.27 -30.69
N ASN A 436 14.27 12.55 -30.33
CA ASN A 436 15.60 13.15 -30.16
C ASN A 436 16.25 12.74 -28.83
N PHE A 437 15.41 12.34 -27.84
CA PHE A 437 15.84 11.91 -26.50
C PHE A 437 16.19 10.43 -26.47
N PRO A 438 17.18 9.99 -25.62
CA PRO A 438 17.52 8.55 -25.56
C PRO A 438 16.32 7.70 -25.15
N GLU A 439 16.34 6.39 -25.50
CA GLU A 439 15.25 5.48 -25.16
C GLU A 439 15.25 5.27 -23.66
N ILE A 440 16.43 5.13 -23.06
CA ILE A 440 16.55 4.99 -21.61
C ILE A 440 16.75 6.37 -20.99
N LEU A 441 15.85 6.71 -20.10
CA LEU A 441 15.82 7.99 -19.43
C LEU A 441 15.82 7.83 -17.95
N LEU A 442 16.22 8.90 -17.30
CA LEU A 442 16.19 8.99 -15.87
C LEU A 442 15.15 10.08 -15.60
N ILE A 443 14.11 9.77 -14.83
CA ILE A 443 13.05 10.71 -14.51
C ILE A 443 13.15 11.12 -13.07
N ALA A 444 13.27 12.42 -12.83
CA ALA A 444 13.31 12.99 -11.49
C ALA A 444 11.99 13.72 -11.24
N ILE A 445 11.29 13.36 -10.15
CA ILE A 445 10.05 14.03 -9.72
C ILE A 445 10.41 14.77 -8.43
N ASN A 446 10.39 16.12 -8.46
CA ASN A 446 10.72 17.00 -7.34
C ASN A 446 9.80 18.24 -7.32
N LYS A 447 10.11 19.27 -6.48
CA LYS A 447 9.26 20.48 -6.37
C LYS A 447 9.04 21.24 -7.69
N TYR A 448 9.96 21.07 -8.66
CA TYR A 448 9.96 21.73 -9.98
C TYR A 448 9.12 21.04 -11.08
N GLY A 449 8.63 19.85 -10.79
CA GLY A 449 7.83 19.06 -11.73
C GLY A 449 8.42 17.72 -12.08
N VAL A 450 8.32 17.38 -13.37
CA VAL A 450 8.85 16.13 -13.93
C VAL A 450 10.01 16.43 -14.89
N SER A 451 11.22 15.97 -14.52
CA SER A 451 12.42 16.19 -15.33
C SER A 451 12.89 14.91 -16.02
N LEU A 452 13.30 15.05 -17.28
CA LEU A 452 13.83 13.97 -18.10
C LEU A 452 15.32 14.27 -18.14
N ILE A 453 16.12 13.34 -17.64
CA ILE A 453 17.57 13.49 -17.51
C ILE A 453 18.25 12.46 -18.40
N ASP A 454 19.32 12.89 -19.07
CA ASP A 454 20.10 11.99 -19.90
C ASP A 454 20.89 11.11 -18.90
N PRO A 455 20.72 9.77 -18.94
CA PRO A 455 21.41 8.94 -17.93
C PRO A 455 22.94 8.98 -17.96
N LYS A 456 23.52 9.19 -19.15
CA LYS A 456 24.96 9.21 -19.34
C LYS A 456 25.60 10.51 -18.85
N THR A 457 25.15 11.66 -19.39
CA THR A 457 25.71 12.98 -19.09
C THR A 457 25.18 13.59 -17.81
N LYS A 458 24.04 13.06 -17.31
CA LYS A 458 23.30 13.49 -16.11
C LYS A 458 22.66 14.87 -16.32
N ASP A 459 22.61 15.31 -17.61
CA ASP A 459 22.04 16.58 -18.10
C ASP A 459 20.52 16.52 -18.11
N ILE A 460 19.86 17.60 -17.64
CA ILE A 460 18.39 17.70 -17.65
C ILE A 460 18.01 18.12 -19.07
N LEU A 461 17.29 17.25 -19.80
CA LEU A 461 16.85 17.51 -21.19
C LEU A 461 15.64 18.44 -21.20
N THR A 462 14.68 18.21 -20.29
CA THR A 462 13.49 19.04 -20.10
C THR A 462 12.91 18.90 -18.70
N THR A 463 12.24 19.95 -18.24
CA THR A 463 11.49 20.01 -16.97
C THR A 463 10.08 20.44 -17.34
N HIS A 464 9.11 19.60 -16.99
CA HIS A 464 7.70 19.89 -17.20
C HIS A 464 7.15 20.31 -15.83
N PRO A 465 6.87 21.63 -15.63
CA PRO A 465 6.33 22.08 -14.33
C PRO A 465 4.99 21.42 -14.03
N PHE A 466 4.62 21.31 -12.75
CA PHE A 466 3.34 20.67 -12.40
C PHE A 466 2.16 21.41 -13.00
N THR A 467 2.32 22.72 -13.17
CA THR A 467 1.34 23.63 -13.75
C THR A 467 1.09 23.37 -15.25
N LYS A 468 2.08 22.76 -15.96
CA LYS A 468 1.95 22.42 -17.38
C LYS A 468 1.51 20.95 -17.61
N ILE A 469 1.32 20.16 -16.52
CA ILE A 469 0.89 18.76 -16.59
C ILE A 469 -0.65 18.71 -16.46
N SER A 470 -1.33 18.50 -17.61
CA SER A 470 -2.79 18.50 -17.72
C SER A 470 -3.45 17.17 -17.37
N ASN A 471 -2.75 16.04 -17.62
CA ASN A 471 -3.26 14.69 -17.32
C ASN A 471 -2.12 13.70 -17.08
N TRP A 472 -2.45 12.56 -16.43
CA TRP A 472 -1.53 11.45 -16.15
C TRP A 472 -2.27 10.15 -15.87
N SER A 473 -1.61 9.02 -16.11
CA SER A 473 -2.16 7.67 -15.86
C SER A 473 -1.01 6.67 -15.63
N SER A 474 -1.32 5.51 -15.09
CA SER A 474 -0.37 4.42 -14.88
C SER A 474 -1.05 3.07 -15.04
N GLY A 475 -0.23 2.07 -15.32
CA GLY A 475 -0.58 0.66 -15.44
C GLY A 475 0.54 -0.11 -14.78
N ASN A 476 0.54 -1.42 -14.90
CA ASN A 476 1.61 -2.25 -14.33
C ASN A 476 2.91 -2.16 -15.15
N THR A 477 2.79 -1.79 -16.45
CA THR A 477 3.91 -1.72 -17.38
C THR A 477 4.24 -0.30 -17.87
N TYR A 478 3.49 0.72 -17.42
CA TYR A 478 3.69 2.09 -17.89
C TYR A 478 3.29 3.21 -16.97
N PHE A 479 3.70 4.41 -17.38
CA PHE A 479 3.38 5.68 -16.78
C PHE A 479 3.26 6.70 -17.90
N HIS A 480 2.11 7.37 -17.96
CA HIS A 480 1.83 8.36 -18.98
C HIS A 480 1.56 9.74 -18.37
N ILE A 481 2.03 10.81 -19.05
CA ILE A 481 1.76 12.21 -18.69
C ILE A 481 1.43 13.01 -19.96
N THR A 482 0.40 13.86 -19.89
CA THR A 482 -0.02 14.77 -20.94
C THR A 482 0.46 16.17 -20.53
N ILE A 483 1.13 16.85 -21.44
CA ILE A 483 1.65 18.19 -21.22
C ILE A 483 0.85 19.18 -22.11
N GLY A 484 0.09 20.06 -21.46
CA GLY A 484 -0.71 21.09 -22.11
C GLY A 484 -1.97 20.65 -22.83
N ASN A 485 -2.27 21.33 -23.97
CA ASN A 485 -3.45 21.17 -24.81
C ASN A 485 -3.11 20.64 -26.21
N SER A 490 2.01 17.76 -26.40
CA SER A 490 3.08 16.91 -25.87
C SER A 490 2.53 15.79 -24.91
N LYS A 491 2.82 14.50 -25.22
CA LYS A 491 2.47 13.31 -24.40
C LYS A 491 3.76 12.53 -24.11
N LEU A 492 3.92 12.01 -22.89
CA LEU A 492 5.09 11.22 -22.53
C LEU A 492 4.71 9.85 -22.02
N LEU A 493 5.20 8.80 -22.71
CA LEU A 493 4.95 7.42 -22.30
C LEU A 493 6.26 6.76 -21.90
N CYS A 494 6.30 6.28 -20.64
CA CYS A 494 7.42 5.61 -19.98
C CYS A 494 7.11 4.15 -19.73
N GLU A 495 8.01 3.24 -20.13
CA GLU A 495 7.90 1.82 -19.80
C GLU A 495 8.57 1.64 -18.44
N THR A 496 7.78 1.18 -17.42
CA THR A 496 8.19 1.04 -16.02
C THR A 496 7.23 0.14 -15.23
N SER A 497 7.72 -0.51 -14.18
CA SER A 497 6.90 -1.31 -13.28
C SER A 497 6.57 -0.48 -12.05
N LEU A 498 7.10 0.78 -12.01
CA LEU A 498 6.98 1.75 -10.93
C LEU A 498 6.03 2.91 -11.22
N GLY A 499 5.11 2.71 -12.16
CA GLY A 499 4.09 3.69 -12.53
C GLY A 499 3.19 4.07 -11.36
N TYR A 500 2.83 3.10 -10.48
CA TYR A 500 2.02 3.34 -9.29
C TYR A 500 2.66 4.43 -8.41
N LYS A 501 3.99 4.32 -8.12
CA LYS A 501 4.76 5.26 -7.32
C LYS A 501 4.84 6.65 -7.96
N MET A 502 5.11 6.70 -9.27
CA MET A 502 5.22 7.97 -10.03
C MET A 502 3.90 8.69 -10.01
N ASP A 503 2.80 7.92 -10.22
CA ASP A 503 1.43 8.42 -10.21
C ASP A 503 1.12 9.05 -8.83
N ASP A 504 1.46 8.35 -7.73
CA ASP A 504 1.27 8.80 -6.37
C ASP A 504 2.01 10.12 -6.13
N LEU A 505 3.29 10.19 -6.50
CA LEU A 505 4.09 11.40 -6.35
C LEU A 505 3.57 12.59 -7.14
N LEU A 506 3.17 12.36 -8.41
CA LEU A 506 2.63 13.40 -9.28
C LEU A 506 1.31 13.92 -8.70
N THR A 507 0.43 12.99 -8.28
CA THR A 507 -0.85 13.28 -7.63
C THR A 507 -0.67 14.13 -6.36
N SER A 508 0.23 13.72 -5.46
CA SER A 508 0.55 14.38 -4.19
C SER A 508 1.17 15.76 -4.37
N TYR A 509 2.08 15.92 -5.35
CA TYR A 509 2.72 17.20 -5.61
C TYR A 509 1.76 18.23 -6.22
N ILE A 510 0.92 17.80 -7.18
CA ILE A 510 -0.08 18.64 -7.84
C ILE A 510 -1.16 19.05 -6.83
N SER A 511 -1.66 18.10 -6.03
CA SER A 511 -2.64 18.35 -4.96
C SER A 511 -2.11 19.38 -3.95
N GLN A 512 -0.86 19.19 -3.47
CA GLN A 512 -0.15 20.06 -2.52
C GLN A 512 -0.14 21.49 -3.01
N MET A 513 0.19 21.70 -4.28
CA MET A 513 0.29 23.00 -4.92
C MET A 513 -1.09 23.63 -5.08
N LEU A 514 -2.04 22.85 -5.58
CA LEU A 514 -3.41 23.25 -5.84
C LEU A 514 -4.10 23.68 -4.54
N THR A 515 -3.90 22.97 -3.42
CA THR A 515 -4.49 23.37 -2.13
C THR A 515 -3.79 24.62 -1.57
N ALA A 516 -2.45 24.74 -1.80
CA ALA A 516 -1.65 25.90 -1.40
C ALA A 516 -2.11 27.16 -2.13
N MET A 517 -2.78 26.97 -3.27
CA MET A 517 -3.36 28.03 -4.09
C MET A 517 -4.81 28.31 -3.64
N SER A 518 -5.01 28.53 -2.32
CA SER A 518 -6.31 28.79 -1.70
C SER A 518 -6.17 29.58 -0.39
N TYR B 11 4.34 -27.98 -34.61
CA TYR B 11 4.01 -27.42 -33.30
C TYR B 11 4.20 -25.87 -33.31
N GLU B 12 4.29 -25.22 -32.12
CA GLU B 12 4.46 -23.77 -31.94
C GLU B 12 5.81 -23.24 -32.47
N GLU B 13 6.84 -24.10 -32.56
CA GLU B 13 8.17 -23.77 -33.09
C GLU B 13 8.11 -23.63 -34.63
N GLY B 14 7.03 -24.14 -35.23
CA GLY B 14 6.76 -24.07 -36.65
C GLY B 14 5.65 -23.08 -36.99
N PHE B 15 5.83 -21.82 -36.56
CA PHE B 15 4.89 -20.71 -36.80
C PHE B 15 5.60 -19.55 -37.53
N ASP B 16 5.01 -19.09 -38.64
CA ASP B 16 5.55 -17.97 -39.42
C ASP B 16 4.68 -16.73 -39.18
N PRO B 17 5.20 -15.71 -38.45
CA PRO B 17 4.39 -14.51 -38.18
C PRO B 17 4.09 -13.66 -39.42
N TYR B 18 4.78 -13.91 -40.55
CA TYR B 18 4.62 -13.20 -41.82
C TYR B 18 3.42 -13.69 -42.64
N SER B 19 2.80 -14.80 -42.19
CA SER B 19 1.59 -15.37 -42.80
C SER B 19 0.40 -14.60 -42.23
N MET B 20 0.58 -14.02 -41.02
CA MET B 20 -0.44 -13.29 -40.29
C MET B 20 -0.23 -11.77 -40.29
N PHE B 21 1.02 -11.33 -40.21
CA PHE B 21 1.33 -9.90 -40.15
C PHE B 21 2.23 -9.42 -41.28
N THR B 22 2.14 -8.12 -41.59
CA THR B 22 2.97 -7.46 -42.62
C THR B 22 4.34 -7.10 -41.98
N PRO B 23 5.44 -6.99 -42.77
CA PRO B 23 6.75 -6.64 -42.17
C PRO B 23 6.70 -5.39 -41.29
N GLU B 24 5.87 -4.39 -41.69
CA GLU B 24 5.66 -3.13 -40.96
C GLU B 24 4.92 -3.38 -39.64
N GLN B 25 3.97 -4.34 -39.63
CA GLN B 25 3.19 -4.70 -38.44
C GLN B 25 4.03 -5.32 -37.32
N ILE B 26 5.01 -6.16 -37.67
CA ILE B 26 5.85 -6.83 -36.68
C ILE B 26 7.33 -6.39 -36.74
N MET B 27 7.56 -5.15 -37.20
CA MET B 27 8.89 -4.52 -37.35
C MET B 27 9.64 -4.45 -36.00
N GLY B 28 10.73 -5.22 -35.89
CA GLY B 28 11.54 -5.29 -34.68
C GLY B 28 10.97 -6.15 -33.57
N LYS B 29 9.75 -6.65 -33.73
CA LYS B 29 9.07 -7.49 -32.75
C LYS B 29 9.55 -8.94 -32.82
N ASP B 30 9.57 -9.64 -31.66
CA ASP B 30 9.89 -11.07 -31.54
C ASP B 30 8.53 -11.72 -31.30
N VAL B 31 7.91 -12.19 -32.38
CA VAL B 31 6.56 -12.76 -32.41
C VAL B 31 6.62 -14.28 -32.31
N ARG B 32 5.93 -14.83 -31.29
CA ARG B 32 5.90 -16.27 -30.97
C ARG B 32 4.49 -16.80 -30.83
N LEU B 33 4.31 -18.12 -31.01
CA LEU B 33 3.02 -18.80 -30.82
C LEU B 33 3.08 -19.60 -29.54
N LEU B 34 2.05 -19.44 -28.70
CA LEU B 34 1.92 -20.17 -27.45
C LEU B 34 0.62 -20.94 -27.51
N ARG B 35 0.72 -22.28 -27.39
CA ARG B 35 -0.44 -23.16 -27.39
C ARG B 35 -0.60 -23.70 -25.96
N ILE B 36 -1.31 -22.91 -25.11
CA ILE B 36 -1.54 -23.24 -23.70
C ILE B 36 -2.53 -24.41 -23.56
N LYS B 37 -2.14 -25.35 -22.66
CA LYS B 37 -2.74 -26.61 -22.26
C LYS B 37 -4.26 -26.66 -22.12
N LYS B 38 -4.88 -25.67 -21.44
CA LYS B 38 -6.32 -25.59 -21.12
C LYS B 38 -6.69 -26.53 -19.95
N GLU B 39 -6.27 -26.12 -18.75
CA GLU B 39 -6.49 -26.81 -17.48
C GLU B 39 -6.81 -25.75 -16.43
N GLY B 40 -8.03 -25.81 -15.90
CA GLY B 40 -8.53 -24.90 -14.88
C GLY B 40 -8.54 -23.43 -15.29
N SER B 41 -7.97 -22.57 -14.41
CA SER B 41 -7.89 -21.12 -14.59
C SER B 41 -6.69 -20.74 -15.45
N LEU B 42 -6.86 -19.75 -16.35
CA LEU B 42 -5.78 -19.25 -17.20
C LEU B 42 -4.84 -18.35 -16.37
N ASP B 43 -5.40 -17.62 -15.38
CA ASP B 43 -4.68 -16.72 -14.46
C ASP B 43 -3.69 -15.79 -15.17
N LEU B 44 -4.19 -15.05 -16.17
CA LEU B 44 -3.43 -14.12 -17.00
C LEU B 44 -4.24 -12.82 -17.12
N ALA B 45 -3.70 -11.70 -16.60
CA ALA B 45 -4.37 -10.41 -16.65
C ALA B 45 -3.83 -9.54 -17.77
N LEU B 46 -4.71 -8.71 -18.36
CA LEU B 46 -4.35 -7.83 -19.47
C LEU B 46 -4.49 -6.37 -19.08
N GLU B 47 -3.84 -5.49 -19.86
CA GLU B 47 -3.89 -4.04 -19.71
C GLU B 47 -3.58 -3.36 -21.04
N GLY B 48 -4.05 -2.12 -21.16
CA GLY B 48 -3.88 -1.34 -22.36
C GLY B 48 -5.14 -1.23 -23.19
N GLY B 49 -5.03 -1.63 -24.46
CA GLY B 49 -6.11 -1.53 -25.44
C GLY B 49 -5.76 -0.44 -26.42
N VAL B 50 -6.38 -0.47 -27.62
CA VAL B 50 -6.13 0.48 -28.71
C VAL B 50 -6.34 1.94 -28.24
N ASP B 51 -7.40 2.15 -27.42
CA ASP B 51 -7.85 3.37 -26.78
C ASP B 51 -6.78 3.99 -25.86
N SER B 52 -6.14 3.14 -25.00
CA SER B 52 -5.17 3.44 -23.95
C SER B 52 -3.90 4.20 -24.38
N PRO B 53 -3.08 4.70 -23.43
CA PRO B 53 -1.84 5.39 -23.81
C PRO B 53 -0.81 4.49 -24.50
N ILE B 54 -0.78 3.19 -24.14
CA ILE B 54 0.19 2.26 -24.74
C ILE B 54 -0.27 1.82 -26.14
N GLY B 55 -1.55 2.01 -26.45
CA GLY B 55 -2.17 1.67 -27.74
C GLY B 55 -1.99 0.27 -28.26
N LYS B 56 -1.90 -0.73 -27.35
CA LYS B 56 -1.74 -2.15 -27.63
C LYS B 56 -2.21 -2.98 -26.43
N VAL B 57 -2.41 -4.29 -26.61
CA VAL B 57 -2.83 -5.18 -25.52
C VAL B 57 -1.58 -5.85 -24.94
N VAL B 58 -1.29 -5.60 -23.64
CA VAL B 58 -0.13 -6.19 -22.98
C VAL B 58 -0.54 -7.00 -21.74
N VAL B 59 0.34 -7.92 -21.31
CA VAL B 59 0.15 -8.73 -20.10
C VAL B 59 0.47 -7.83 -18.89
N SER B 60 -0.47 -7.75 -17.94
CA SER B 60 -0.39 -6.94 -16.72
CA SER B 60 -0.29 -6.93 -16.74
C SER B 60 0.17 -7.80 -15.57
N ALA B 61 -0.15 -9.11 -15.62
CA ALA B 61 0.24 -10.10 -14.60
C ALA B 61 -0.01 -11.53 -15.09
N VAL B 62 0.91 -12.44 -14.71
CA VAL B 62 0.87 -13.90 -14.93
C VAL B 62 0.87 -14.43 -13.50
N TYR B 63 -0.25 -14.96 -13.04
CA TYR B 63 -0.35 -15.39 -11.65
C TYR B 63 0.28 -16.76 -11.43
N GLU B 64 1.01 -16.89 -10.29
CA GLU B 64 1.78 -18.06 -9.82
C GLU B 64 1.02 -19.38 -9.88
N ARG B 65 -0.33 -19.34 -9.70
CA ARG B 65 -1.21 -20.51 -9.72
C ARG B 65 -0.97 -21.47 -10.90
N GLY B 66 -1.23 -21.01 -12.14
CA GLY B 66 -0.99 -21.87 -13.30
C GLY B 66 -1.62 -21.49 -14.61
N ALA B 67 -1.44 -22.41 -15.60
CA ALA B 67 -1.84 -22.42 -17.01
C ALA B 67 -0.94 -21.56 -17.87
N ALA B 68 -0.97 -20.23 -17.65
CA ALA B 68 -0.11 -19.28 -18.34
C ALA B 68 1.29 -19.33 -17.70
N GLU B 69 1.36 -19.47 -16.36
CA GLU B 69 2.61 -19.62 -15.62
C GLU B 69 3.19 -21.01 -15.89
N ARG B 70 2.35 -22.07 -15.77
CA ARG B 70 2.73 -23.47 -16.00
C ARG B 70 3.36 -23.71 -17.38
N HIS B 71 2.91 -22.95 -18.40
CA HIS B 71 3.44 -22.99 -19.77
C HIS B 71 4.83 -22.31 -19.77
N GLY B 72 4.90 -21.11 -19.19
CA GLY B 72 6.14 -20.35 -19.01
C GLY B 72 6.55 -19.41 -20.12
N GLY B 73 5.90 -19.53 -21.28
CA GLY B 73 6.22 -18.70 -22.44
C GLY B 73 5.83 -17.24 -22.37
N ILE B 74 4.86 -16.89 -21.50
CA ILE B 74 4.30 -15.54 -21.39
C ILE B 74 4.65 -14.82 -20.06
N VAL B 75 5.04 -13.53 -20.14
CA VAL B 75 5.40 -12.67 -18.99
C VAL B 75 4.78 -11.26 -19.06
N LYS B 76 4.63 -10.61 -17.88
CA LYS B 76 4.16 -9.23 -17.70
C LYS B 76 4.97 -8.27 -18.63
N GLY B 77 4.25 -7.56 -19.50
CA GLY B 77 4.84 -6.64 -20.46
C GLY B 77 4.81 -7.14 -21.89
N ASP B 78 4.58 -8.48 -22.08
CA ASP B 78 4.49 -9.09 -23.41
C ASP B 78 3.22 -8.59 -24.08
N GLU B 79 3.25 -8.45 -25.40
CA GLU B 79 2.09 -7.95 -26.13
C GLU B 79 1.26 -9.06 -26.72
N ILE B 80 -0.06 -9.05 -26.49
CA ILE B 80 -1.01 -9.98 -27.10
C ILE B 80 -1.36 -9.44 -28.49
N MET B 81 -1.06 -10.23 -29.51
CA MET B 81 -1.30 -9.84 -30.90
C MET B 81 -2.48 -10.57 -31.52
N ALA B 82 -2.64 -11.90 -31.27
CA ALA B 82 -3.76 -12.71 -31.77
C ALA B 82 -4.26 -13.75 -30.75
N ILE B 83 -5.58 -14.01 -30.74
CA ILE B 83 -6.21 -15.00 -29.86
C ILE B 83 -7.04 -15.93 -30.74
N ASN B 84 -6.60 -17.20 -30.84
CA ASN B 84 -7.21 -18.26 -31.65
C ASN B 84 -7.32 -17.88 -33.15
N GLY B 85 -6.26 -17.24 -33.66
CA GLY B 85 -6.17 -16.82 -35.06
C GLY B 85 -6.69 -15.43 -35.35
N LYS B 86 -7.50 -14.85 -34.44
CA LYS B 86 -8.06 -13.52 -34.62
C LYS B 86 -7.15 -12.44 -34.02
N ILE B 87 -6.61 -11.55 -34.89
CA ILE B 87 -5.74 -10.44 -34.49
C ILE B 87 -6.53 -9.52 -33.55
N VAL B 88 -5.91 -9.16 -32.41
CA VAL B 88 -6.52 -8.33 -31.37
CA VAL B 88 -6.51 -8.33 -31.37
C VAL B 88 -5.76 -7.00 -31.16
N THR B 89 -4.82 -6.65 -32.07
CA THR B 89 -4.00 -5.43 -31.94
C THR B 89 -4.80 -4.14 -31.86
N ASP B 90 -5.97 -4.04 -32.55
CA ASP B 90 -6.75 -2.80 -32.45
C ASP B 90 -8.02 -3.00 -31.62
N TYR B 91 -7.99 -3.96 -30.68
CA TYR B 91 -9.08 -4.25 -29.75
C TYR B 91 -8.92 -3.34 -28.54
N THR B 92 -10.04 -3.04 -27.85
CA THR B 92 -9.97 -2.27 -26.61
C THR B 92 -9.60 -3.25 -25.46
N LEU B 93 -9.39 -2.73 -24.25
CA LEU B 93 -9.08 -3.65 -23.14
C LEU B 93 -10.25 -4.61 -22.86
N ALA B 94 -11.48 -4.08 -22.82
CA ALA B 94 -12.71 -4.88 -22.62
C ALA B 94 -12.92 -5.89 -23.77
N GLU B 95 -12.61 -5.49 -25.03
CA GLU B 95 -12.72 -6.37 -26.19
C GLU B 95 -11.71 -7.53 -26.08
N ALA B 96 -10.47 -7.23 -25.70
CA ALA B 96 -9.41 -8.22 -25.54
C ALA B 96 -9.75 -9.23 -24.42
N ASP B 97 -10.15 -8.74 -23.22
CA ASP B 97 -10.50 -9.56 -22.05
C ASP B 97 -11.66 -10.49 -22.33
N ALA B 98 -12.65 -10.01 -23.11
CA ALA B 98 -13.82 -10.78 -23.53
C ALA B 98 -13.39 -11.91 -24.47
N ALA B 99 -12.50 -11.60 -25.45
CA ALA B 99 -11.94 -12.55 -26.42
C ALA B 99 -11.10 -13.63 -25.74
N LEU B 100 -10.27 -13.23 -24.75
CA LEU B 100 -9.41 -14.13 -23.98
C LEU B 100 -10.24 -15.12 -23.16
N GLN B 101 -11.27 -14.60 -22.45
CA GLN B 101 -12.19 -15.41 -21.64
C GLN B 101 -13.01 -16.36 -22.52
N LYS B 102 -13.57 -15.83 -23.64
CA LYS B 102 -14.38 -16.61 -24.59
C LYS B 102 -13.57 -17.71 -25.30
N ALA B 103 -12.25 -17.51 -25.45
CA ALA B 103 -11.38 -18.52 -26.06
C ALA B 103 -11.07 -19.61 -25.04
N TRP B 104 -11.05 -19.23 -23.76
CA TRP B 104 -10.75 -20.13 -22.65
C TRP B 104 -11.94 -20.98 -22.25
N ASN B 105 -13.14 -20.37 -22.21
CA ASN B 105 -14.37 -21.04 -21.83
C ASN B 105 -15.01 -21.78 -23.00
N GLN B 106 -15.25 -21.08 -24.13
CA GLN B 106 -15.90 -21.65 -25.30
C GLN B 106 -14.97 -22.35 -26.28
N GLY B 107 -15.28 -23.62 -26.52
CA GLY B 107 -14.65 -24.54 -27.46
C GLY B 107 -13.18 -24.86 -27.29
N GLY B 108 -12.77 -25.95 -27.93
CA GLY B 108 -11.38 -26.41 -27.96
C GLY B 108 -10.79 -27.00 -26.70
N ASP B 109 -9.61 -27.63 -26.84
CA ASP B 109 -8.86 -28.26 -25.75
C ASP B 109 -7.57 -27.47 -25.52
N TRP B 110 -7.45 -26.29 -26.17
CA TRP B 110 -6.31 -25.38 -26.07
C TRP B 110 -6.65 -23.95 -26.52
N ILE B 111 -5.81 -22.98 -26.13
CA ILE B 111 -5.90 -21.58 -26.51
C ILE B 111 -4.63 -21.25 -27.31
N ASP B 112 -4.77 -20.55 -28.46
CA ASP B 112 -3.66 -20.15 -29.32
C ASP B 112 -3.37 -18.65 -29.21
N LEU B 113 -2.29 -18.30 -28.47
CA LEU B 113 -1.90 -16.91 -28.25
C LEU B 113 -0.67 -16.53 -29.05
N VAL B 114 -0.79 -15.47 -29.85
CA VAL B 114 0.32 -14.94 -30.62
C VAL B 114 0.80 -13.74 -29.81
N VAL B 115 2.05 -13.83 -29.31
CA VAL B 115 2.59 -12.75 -28.48
C VAL B 115 3.89 -12.16 -29.04
N ALA B 116 4.08 -10.87 -28.77
CA ALA B 116 5.33 -10.16 -29.07
C ALA B 116 6.10 -10.22 -27.74
N VAL B 117 7.18 -11.03 -27.67
CA VAL B 117 8.00 -11.17 -26.46
C VAL B 117 8.74 -9.87 -26.14
N CYS B 118 8.47 -9.34 -24.95
CA CYS B 118 9.05 -8.12 -24.43
C CYS B 118 10.57 -8.28 -24.19
N PRO B 119 11.43 -7.36 -24.70
CA PRO B 119 12.88 -7.52 -24.48
C PRO B 119 13.28 -7.35 -23.01
N PRO B 120 14.46 -7.87 -22.60
CA PRO B 120 14.90 -7.65 -21.20
C PRO B 120 15.00 -6.16 -20.84
N LYS B 121 14.72 -5.84 -19.55
CA LYS B 121 14.78 -4.47 -19.03
C LYS B 121 16.24 -4.01 -18.93
N GLU B 122 16.63 -3.04 -19.78
CA GLU B 122 17.99 -2.48 -19.83
C GLU B 122 18.19 -1.36 -18.78
N TYR B 123 17.43 -1.41 -17.67
CA TYR B 123 17.42 -0.43 -16.58
C TYR B 123 16.88 -1.02 -15.28
N ASP B 124 17.29 -0.42 -14.13
CA ASP B 124 16.83 -0.81 -12.81
C ASP B 124 15.38 -0.35 -12.66
N ASP B 125 14.48 -1.33 -12.64
CA ASP B 125 13.02 -1.20 -12.58
C ASP B 125 12.50 -1.78 -11.24
N GLU B 126 13.28 -1.67 -10.14
CA GLU B 126 12.87 -2.26 -8.87
C GLU B 126 12.82 -1.30 -7.71
N LEU B 127 13.99 -0.74 -7.32
CA LEU B 127 14.17 0.15 -6.17
C LEU B 127 13.92 1.62 -6.45
N THR B 128 13.32 2.31 -5.47
CA THR B 128 13.07 3.75 -5.50
C THR B 128 13.46 4.36 -4.16
N PHE B 129 14.22 5.45 -4.23
CA PHE B 129 14.60 6.23 -3.07
C PHE B 129 13.69 7.43 -3.03
N PHE B 130 12.98 7.65 -1.92
CA PHE B 130 12.09 8.80 -1.75
C PHE B 130 12.85 10.02 -1.19
#